data_8BN5
#
_entry.id   8BN5
#
_cell.length_a   45.838
_cell.length_b   66.967
_cell.length_c   175.413
_cell.angle_alpha   90.000
_cell.angle_beta   90.000
_cell.angle_gamma   90.000
#
_symmetry.space_group_name_H-M   'P 21 21 21'
#
loop_
_entity.id
_entity.type
_entity.pdbx_description
1 polymer 'Glutamate receptor ionotropic, delta-1'
2 non-polymer 'CALCIUM ION'
3 non-polymer 'CHLORIDE ION'
4 non-polymer 2-acetamido-2-deoxy-beta-D-glucopyranose
5 non-polymer 'GAMMA-AMINO-BUTANOIC ACID'
6 non-polymer 1,2-ETHANEDIOL
7 water water
#
_entity_poly.entity_id   1
_entity_poly.type   'polypeptide(L)'
_entity_poly.pdbx_seq_one_letter_code
;GLTLKVVTVLEEPFVMVAENILGQPKRYKGFSIDVLDALAKALGFKYEIYQAPDGRYGHQLHNTSWNGMIGELISKRADL
AISAITITPERESVVDFSKRYMDYSVGILIKKGTPIRTFQDLSKQVEMSYGTVRDSAVYEYFRAKGTNPLEQDSTFAELW
RTISKNGGADNCVSSPSEGIRKAKKGNYAFLWDVAVVEYAALTDDDCSVTVIGNSISSKGYGIALQHGSPYRDLFSQRIL
ELQDTGDLDVLKQKWWPHMGRCDLTSHASAQADGGTLEVLFQ
;
_entity_poly.pdbx_strand_id   A,B
#
# COMPACT_ATOMS: atom_id res chain seq x y z
N GLY A 1 28.16 -10.29 -19.54
CA GLY A 1 27.68 -10.67 -18.23
C GLY A 1 26.25 -11.18 -18.23
N LEU A 2 25.72 -11.47 -17.05
CA LEU A 2 24.37 -11.99 -16.94
C LEU A 2 23.37 -10.97 -17.47
N THR A 3 22.54 -11.41 -18.41
CA THR A 3 21.53 -10.55 -19.01
C THR A 3 20.15 -11.18 -18.85
N LEU A 4 19.21 -10.40 -18.35
CA LEU A 4 17.84 -10.82 -18.18
C LEU A 4 16.98 -10.29 -19.33
N LYS A 5 16.01 -11.10 -19.76
CA LYS A 5 15.07 -10.72 -20.80
C LYS A 5 13.84 -10.12 -20.13
N VAL A 6 13.52 -8.87 -20.47
CA VAL A 6 12.45 -8.13 -19.81
C VAL A 6 11.34 -7.82 -20.81
N VAL A 7 10.11 -8.19 -20.46
CA VAL A 7 8.94 -7.86 -21.25
C VAL A 7 8.19 -6.72 -20.57
N THR A 8 7.59 -5.85 -21.38
CA THR A 8 6.96 -4.64 -20.90
C THR A 8 5.77 -4.32 -21.79
N VAL A 9 4.94 -3.39 -21.32
CA VAL A 9 3.93 -2.74 -22.14
C VAL A 9 4.07 -1.25 -21.89
N LEU A 10 3.75 -0.45 -22.90
CA LEU A 10 3.94 0.99 -22.80
C LEU A 10 2.79 1.63 -22.04
N GLU A 11 3.10 2.34 -20.96
CA GLU A 11 2.11 3.08 -20.18
C GLU A 11 2.82 4.27 -19.55
N GLU A 12 2.44 5.47 -19.97
CA GLU A 12 3.11 6.68 -19.49
C GLU A 12 2.70 6.97 -18.04
N PRO A 13 3.66 7.36 -17.17
CA PRO A 13 5.10 7.57 -17.38
C PRO A 13 5.91 6.41 -16.82
N PHE A 14 5.30 5.22 -16.72
CA PHE A 14 5.99 4.06 -16.18
C PHE A 14 7.02 3.50 -17.16
N VAL A 15 6.60 3.22 -18.39
CA VAL A 15 7.49 2.81 -19.46
C VAL A 15 7.07 3.55 -20.72
N MET A 16 8.04 4.24 -21.34
CA MET A 16 7.82 5.01 -22.55
C MET A 16 9.01 4.77 -23.47
N VAL A 17 8.77 4.87 -24.77
CA VAL A 17 9.88 4.80 -25.72
C VAL A 17 10.70 6.08 -25.61
N ALA A 18 12.03 5.91 -25.53
CA ALA A 18 12.92 7.04 -25.29
C ALA A 18 13.63 7.51 -26.54
N GLU A 19 14.24 6.59 -27.28
CA GLU A 19 14.91 6.91 -28.53
C GLU A 19 14.86 5.68 -29.42
N ASN A 20 14.75 5.90 -30.73
CA ASN A 20 14.73 4.79 -31.68
C ASN A 20 15.27 5.32 -33.00
N ILE A 21 16.58 5.17 -33.18
CA ILE A 21 17.23 5.40 -34.46
C ILE A 21 17.24 4.09 -35.22
N LEU A 22 17.15 4.16 -36.55
CA LEU A 22 17.27 2.95 -37.35
C LEU A 22 18.69 2.39 -37.22
N GLY A 23 18.79 1.08 -37.08
CA GLY A 23 20.06 0.44 -36.83
C GLY A 23 20.44 0.33 -35.37
N GLN A 24 19.69 0.95 -34.47
CA GLN A 24 19.89 0.83 -33.04
C GLN A 24 18.64 0.22 -32.40
N PRO A 25 18.80 -0.50 -31.29
CA PRO A 25 17.63 -1.09 -30.63
C PRO A 25 16.78 -0.01 -29.98
N LYS A 26 15.50 -0.29 -29.82
CA LYS A 26 14.63 0.60 -29.08
C LYS A 26 15.16 0.80 -27.66
N ARG A 27 15.17 2.04 -27.20
CA ARG A 27 15.46 2.37 -25.81
C ARG A 27 14.17 2.78 -25.12
N TYR A 28 14.15 2.63 -23.79
CA TYR A 28 12.97 2.92 -23.00
C TYR A 28 13.35 3.81 -21.83
N LYS A 29 12.34 4.50 -21.29
CA LYS A 29 12.52 5.39 -20.15
C LYS A 29 11.23 5.42 -19.37
N GLY A 30 11.31 5.89 -18.13
CA GLY A 30 10.16 5.97 -17.26
C GLY A 30 10.46 5.56 -15.83
N PHE A 31 9.45 5.69 -14.97
CA PHE A 31 9.61 5.37 -13.55
C PHE A 31 9.99 3.91 -13.35
N SER A 32 9.32 3.00 -14.07
CA SER A 32 9.61 1.58 -13.91
C SER A 32 10.98 1.23 -14.48
N ILE A 33 11.40 1.93 -15.54
CA ILE A 33 12.74 1.71 -16.07
C ILE A 33 13.79 2.11 -15.04
N ASP A 34 13.58 3.22 -14.35
CA ASP A 34 14.56 3.66 -13.37
C ASP A 34 14.60 2.73 -12.16
N VAL A 35 13.45 2.18 -11.77
CA VAL A 35 13.44 1.16 -10.72
C VAL A 35 14.23 -0.05 -11.16
N LEU A 36 13.98 -0.50 -12.40
CA LEU A 36 14.73 -1.63 -12.95
C LEU A 36 16.23 -1.32 -13.01
N ASP A 37 16.59 -0.11 -13.41
CA ASP A 37 18.00 0.26 -13.50
C ASP A 37 18.69 0.15 -12.15
N ALA A 38 18.02 0.62 -11.09
CA ALA A 38 18.61 0.55 -9.75
C ALA A 38 18.81 -0.90 -9.31
N LEU A 39 17.85 -1.76 -9.60
CA LEU A 39 18.01 -3.18 -9.26
C LEU A 39 19.16 -3.79 -10.06
N ALA A 40 19.28 -3.43 -11.33
CA ALA A 40 20.36 -3.96 -12.17
C ALA A 40 21.72 -3.53 -11.65
N LYS A 41 21.87 -2.26 -11.28
CA LYS A 41 23.12 -1.78 -10.72
C LYS A 41 23.45 -2.50 -9.41
N ALA A 42 22.44 -2.70 -8.57
CA ALA A 42 22.67 -3.22 -7.22
C ALA A 42 22.92 -4.73 -7.22
N LEU A 43 22.26 -5.47 -8.10
CA LEU A 43 22.41 -6.91 -8.15
C LEU A 43 23.35 -7.39 -9.25
N GLY A 44 23.80 -6.49 -10.12
CA GLY A 44 24.82 -6.81 -11.09
C GLY A 44 24.34 -7.64 -12.27
N PHE A 45 23.25 -7.21 -12.91
CA PHE A 45 22.80 -7.80 -14.15
C PHE A 45 22.57 -6.72 -15.19
N LYS A 46 22.68 -7.10 -16.46
CA LYS A 46 22.25 -6.30 -17.59
C LYS A 46 20.87 -6.78 -18.03
N TYR A 47 20.23 -6.04 -18.94
CA TYR A 47 18.93 -6.47 -19.41
C TYR A 47 18.63 -5.97 -20.81
N GLU A 48 17.74 -6.70 -21.49
CA GLU A 48 17.21 -6.36 -22.80
C GLU A 48 15.70 -6.38 -22.73
N ILE A 49 15.05 -5.37 -23.27
CA ILE A 49 13.61 -5.16 -23.12
C ILE A 49 12.91 -5.43 -24.44
N TYR A 50 11.72 -6.05 -24.36
CA TYR A 50 10.86 -6.19 -25.52
C TYR A 50 9.41 -5.98 -25.09
N GLN A 51 8.57 -5.63 -26.05
CA GLN A 51 7.18 -5.33 -25.81
C GLN A 51 6.33 -6.58 -26.02
N ALA A 52 5.39 -6.81 -25.10
CA ALA A 52 4.51 -7.97 -25.18
C ALA A 52 3.85 -8.02 -26.56
N PRO A 53 4.03 -9.11 -27.32
CA PRO A 53 3.52 -9.11 -28.70
C PRO A 53 2.04 -8.82 -28.82
N ASP A 54 1.21 -9.22 -27.84
CA ASP A 54 -0.20 -8.87 -27.85
C ASP A 54 -0.48 -7.58 -27.08
N GLY A 55 0.56 -6.96 -26.52
CA GLY A 55 0.40 -5.69 -25.83
C GLY A 55 -0.50 -5.73 -24.62
N ARG A 56 -0.61 -6.88 -23.96
CA ARG A 56 -1.52 -7.04 -22.83
CA ARG A 56 -1.52 -7.04 -22.84
C ARG A 56 -0.75 -7.31 -21.55
N TYR A 57 -1.33 -6.88 -20.44
CA TYR A 57 -0.79 -7.25 -19.12
C TYR A 57 -0.92 -8.76 -18.90
N GLY A 58 -2.12 -9.30 -19.10
CA GLY A 58 -2.31 -10.74 -19.10
C GLY A 58 -3.39 -11.22 -18.15
N HIS A 59 -4.20 -12.17 -18.60
CA HIS A 59 -5.25 -12.76 -17.78
C HIS A 59 -5.43 -14.22 -18.19
N GLN A 60 -6.22 -14.95 -17.41
CA GLN A 60 -6.39 -16.38 -17.62
C GLN A 60 -7.50 -16.63 -18.64
N LEU A 61 -7.27 -17.60 -19.52
CA LEU A 61 -8.23 -18.02 -20.53
C LEU A 61 -8.92 -19.31 -20.07
N HIS A 62 -9.91 -19.72 -20.85
CA HIS A 62 -10.78 -20.81 -20.41
C HIS A 62 -10.05 -22.14 -20.34
N ASN A 63 -8.98 -22.32 -21.12
CA ASN A 63 -8.18 -23.54 -21.02
C ASN A 63 -7.05 -23.41 -20.01
N THR A 64 -7.08 -22.38 -19.16
CA THR A 64 -6.15 -22.12 -18.06
C THR A 64 -4.82 -21.54 -18.55
N SER A 65 -4.63 -21.36 -19.85
CA SER A 65 -3.46 -20.66 -20.35
CA SER A 65 -3.46 -20.65 -20.34
C SER A 65 -3.61 -19.15 -20.09
N TRP A 66 -2.52 -18.43 -20.28
CA TRP A 66 -2.51 -16.98 -20.07
C TRP A 66 -1.93 -16.27 -21.29
N ASN A 67 -2.45 -15.09 -21.57
CA ASN A 67 -1.89 -14.21 -22.58
C ASN A 67 -1.11 -13.10 -21.90
N GLY A 68 -0.72 -12.08 -22.67
CA GLY A 68 -0.05 -10.94 -22.12
C GLY A 68 1.35 -11.25 -21.60
N MET A 69 1.87 -10.31 -20.81
CA MET A 69 3.17 -10.50 -20.20
C MET A 69 3.19 -11.74 -19.30
N ILE A 70 2.08 -12.04 -18.63
CA ILE A 70 2.05 -13.22 -17.75
C ILE A 70 2.33 -14.47 -18.57
N GLY A 71 1.67 -14.61 -19.73
CA GLY A 71 1.97 -15.72 -20.61
C GLY A 71 3.42 -15.78 -21.03
N GLU A 72 4.04 -14.61 -21.21
CA GLU A 72 5.45 -14.60 -21.60
C GLU A 72 6.34 -15.13 -20.48
N LEU A 73 5.95 -14.92 -19.23
CA LEU A 73 6.72 -15.48 -18.12
C LEU A 73 6.47 -16.98 -17.97
N ILE A 74 5.23 -17.41 -18.15
CA ILE A 74 4.91 -18.83 -17.98
C ILE A 74 5.65 -19.67 -19.00
N SER A 75 5.68 -19.21 -20.25
CA SER A 75 6.42 -19.92 -21.29
C SER A 75 7.92 -19.81 -21.12
N LYS A 76 8.40 -18.92 -20.25
CA LYS A 76 9.81 -18.67 -20.02
C LYS A 76 10.48 -17.95 -21.18
N ARG A 77 9.70 -17.20 -21.97
CA ARG A 77 10.31 -16.32 -22.96
C ARG A 77 10.88 -15.07 -22.30
N ALA A 78 10.27 -14.61 -21.22
CA ALA A 78 10.78 -13.48 -20.45
C ALA A 78 11.25 -13.95 -19.07
N ASP A 79 12.25 -13.25 -18.54
CA ASP A 79 12.70 -13.50 -17.17
C ASP A 79 11.97 -12.62 -16.16
N LEU A 80 11.49 -11.46 -16.59
CA LEU A 80 10.70 -10.61 -15.72
C LEU A 80 9.84 -9.68 -16.57
N ALA A 81 8.76 -9.23 -15.97
CA ALA A 81 7.79 -8.33 -16.60
C ALA A 81 7.66 -7.10 -15.72
N ILE A 82 7.73 -5.93 -16.34
CA ILE A 82 7.62 -4.67 -15.59
C ILE A 82 6.93 -3.65 -16.47
N SER A 83 5.95 -2.95 -15.89
CA SER A 83 5.39 -1.73 -16.45
C SER A 83 4.57 -1.06 -15.36
N ALA A 84 3.24 -1.19 -15.44
CA ALA A 84 2.36 -0.77 -14.34
C ALA A 84 1.44 -1.93 -13.96
N ILE A 85 2.05 -3.01 -13.49
CA ILE A 85 1.36 -4.28 -13.28
C ILE A 85 0.92 -4.38 -11.83
N THR A 86 -0.38 -4.63 -11.60
CA THR A 86 -0.83 -4.82 -10.24
C THR A 86 -0.64 -6.27 -9.80
N ILE A 87 -0.29 -6.44 -8.53
CA ILE A 87 -0.13 -7.73 -7.87
C ILE A 87 -1.52 -8.23 -7.52
N THR A 88 -1.99 -9.27 -8.20
CA THR A 88 -3.28 -9.86 -7.93
C THR A 88 -3.11 -11.32 -7.53
N PRO A 89 -4.08 -11.90 -6.82
CA PRO A 89 -3.92 -13.32 -6.42
C PRO A 89 -3.94 -14.28 -7.60
N GLU A 90 -4.76 -14.02 -8.62
CA GLU A 90 -4.79 -14.89 -9.79
C GLU A 90 -3.43 -14.97 -10.46
N ARG A 91 -2.73 -13.84 -10.57
CA ARG A 91 -1.43 -13.81 -11.24
C ARG A 91 -0.35 -14.42 -10.36
N GLU A 92 -0.35 -14.08 -9.06
CA GLU A 92 0.67 -14.64 -8.17
C GLU A 92 0.59 -16.16 -8.10
N SER A 93 -0.56 -16.74 -8.41
CA SER A 93 -0.64 -18.19 -8.41
C SER A 93 0.22 -18.81 -9.50
N VAL A 94 0.45 -18.10 -10.61
CA VAL A 94 1.20 -18.64 -11.74
C VAL A 94 2.55 -17.98 -11.94
N VAL A 95 2.81 -16.80 -11.37
CA VAL A 95 4.12 -16.16 -11.42
C VAL A 95 4.45 -15.68 -10.01
N ASP A 96 5.64 -15.11 -9.84
CA ASP A 96 6.11 -14.65 -8.54
C ASP A 96 6.40 -13.15 -8.60
N PHE A 97 5.62 -12.38 -7.86
CA PHE A 97 5.79 -10.93 -7.80
C PHE A 97 6.77 -10.55 -6.69
N SER A 98 7.60 -9.53 -6.98
CA SER A 98 8.26 -8.82 -5.89
C SER A 98 7.21 -8.19 -4.97
N LYS A 99 7.65 -7.75 -3.79
CA LYS A 99 6.88 -6.80 -3.01
C LYS A 99 6.73 -5.51 -3.80
N ARG A 100 5.65 -4.77 -3.52
CA ARG A 100 5.31 -3.61 -4.33
C ARG A 100 6.38 -2.53 -4.24
N TYR A 101 6.53 -1.78 -5.33
CA TYR A 101 7.36 -0.58 -5.32
C TYR A 101 6.54 0.71 -5.43
N MET A 102 5.21 0.63 -5.42
CA MET A 102 4.32 1.78 -5.46
C MET A 102 2.89 1.29 -5.24
N ASP A 103 2.07 2.15 -4.63
CA ASP A 103 0.67 1.82 -4.41
C ASP A 103 -0.16 2.16 -5.64
N TYR A 104 -1.28 1.45 -5.80
CA TYR A 104 -2.19 1.60 -6.94
C TYR A 104 -3.59 1.95 -6.45
N SER A 105 -4.29 2.80 -7.20
CA SER A 105 -5.73 2.98 -7.02
C SER A 105 -6.30 3.50 -8.32
N VAL A 106 -7.63 3.50 -8.41
CA VAL A 106 -8.35 3.89 -9.61
CA VAL A 106 -8.34 3.89 -9.62
C VAL A 106 -8.77 5.35 -9.48
N GLY A 107 -8.57 6.11 -10.56
CA GLY A 107 -9.00 7.49 -10.60
C GLY A 107 -9.83 7.76 -11.84
N ILE A 108 -10.39 8.96 -11.89
CA ILE A 108 -11.23 9.42 -12.99
C ILE A 108 -10.52 10.58 -13.67
N LEU A 109 -10.31 10.49 -14.99
CA LEU A 109 -9.85 11.62 -15.78
C LEU A 109 -11.04 12.30 -16.43
N ILE A 110 -11.16 13.61 -16.22
CA ILE A 110 -12.32 14.35 -16.71
C ILE A 110 -11.94 15.80 -16.94
N LYS A 111 -12.59 16.42 -17.93
CA LYS A 111 -12.38 17.83 -18.19
C LYS A 111 -12.75 18.66 -16.97
N LYS A 112 -12.04 19.76 -16.79
CA LYS A 112 -12.38 20.69 -15.72
C LYS A 112 -13.68 21.40 -16.03
N GLY A 113 -14.29 21.97 -14.99
CA GLY A 113 -15.46 22.80 -15.17
C GLY A 113 -16.79 22.11 -15.06
N THR A 114 -16.82 20.86 -14.64
CA THR A 114 -18.08 20.18 -14.38
C THR A 114 -18.35 20.13 -12.88
N PRO A 115 -19.60 19.88 -12.48
CA PRO A 115 -19.90 19.72 -11.05
C PRO A 115 -19.46 18.38 -10.47
N ILE A 116 -18.89 17.48 -11.27
CA ILE A 116 -18.51 16.16 -10.80
C ILE A 116 -17.17 16.25 -10.06
N ARG A 117 -17.17 15.88 -8.78
CA ARG A 117 -15.99 16.00 -7.95
C ARG A 117 -15.66 14.73 -7.18
N THR A 118 -16.52 13.71 -7.22
CA THR A 118 -16.27 12.45 -6.53
C THR A 118 -16.79 11.29 -7.38
N PHE A 119 -16.44 10.07 -6.97
CA PHE A 119 -17.01 8.89 -7.61
C PHE A 119 -18.52 8.83 -7.43
N GLN A 120 -19.02 9.29 -6.28
CA GLN A 120 -20.47 9.30 -6.08
C GLN A 120 -21.15 10.25 -7.05
N ASP A 121 -20.56 11.43 -7.27
CA ASP A 121 -21.10 12.36 -8.25
C ASP A 121 -21.17 11.72 -9.64
N LEU A 122 -20.10 11.01 -10.04
CA LEU A 122 -20.10 10.35 -11.34
C LEU A 122 -21.21 9.31 -11.43
N SER A 123 -21.42 8.56 -10.35
CA SER A 123 -22.43 7.50 -10.34
C SER A 123 -23.85 8.04 -10.48
N LYS A 124 -24.05 9.33 -10.20
CA LYS A 124 -25.38 9.93 -10.32
C LYS A 124 -25.72 10.34 -11.74
N GLN A 125 -24.77 10.27 -12.67
CA GLN A 125 -24.98 10.83 -14.00
C GLN A 125 -25.99 9.99 -14.77
N VAL A 126 -26.92 10.66 -15.43
CA VAL A 126 -27.94 10.00 -16.22
C VAL A 126 -27.57 9.93 -17.70
N GLU A 127 -27.03 11.01 -18.25
CA GLU A 127 -26.84 11.05 -19.70
C GLU A 127 -25.41 10.74 -20.14
N MET A 128 -24.47 10.62 -19.20
CA MET A 128 -23.05 10.76 -19.53
C MET A 128 -22.36 9.42 -19.74
N SER A 129 -21.50 9.40 -20.76
CA SER A 129 -20.67 8.24 -21.05
C SER A 129 -19.42 8.28 -20.17
N TYR A 130 -19.17 7.19 -19.46
CA TYR A 130 -17.93 7.02 -18.73
C TYR A 130 -17.67 5.53 -18.60
N GLY A 131 -16.39 5.17 -18.50
CA GLY A 131 -16.03 3.77 -18.44
C GLY A 131 -14.54 3.59 -18.33
N THR A 132 -14.10 2.39 -18.65
CA THR A 132 -12.71 2.00 -18.51
C THR A 132 -12.32 1.16 -19.72
N VAL A 133 -11.14 0.55 -19.66
CA VAL A 133 -10.68 -0.32 -20.73
C VAL A 133 -11.45 -1.63 -20.66
N ARG A 134 -12.13 -1.98 -21.75
CA ARG A 134 -12.83 -3.26 -21.79
C ARG A 134 -11.83 -4.40 -21.64
N ASP A 135 -12.27 -5.47 -20.99
CA ASP A 135 -11.46 -6.68 -20.85
C ASP A 135 -10.18 -6.42 -20.07
N SER A 136 -10.26 -5.54 -19.07
CA SER A 136 -9.11 -5.20 -18.23
C SER A 136 -9.40 -5.62 -16.80
N ALA A 137 -8.35 -5.60 -15.98
CA ALA A 137 -8.54 -5.86 -14.56
C ALA A 137 -9.38 -4.77 -13.89
N VAL A 138 -9.40 -3.55 -14.44
CA VAL A 138 -10.25 -2.51 -13.87
C VAL A 138 -11.71 -2.79 -14.18
N TYR A 139 -12.00 -3.29 -15.39
CA TYR A 139 -13.37 -3.70 -15.71
C TYR A 139 -13.84 -4.79 -14.75
N GLU A 140 -12.98 -5.77 -14.46
CA GLU A 140 -13.35 -6.84 -13.55
C GLU A 140 -13.51 -6.33 -12.12
N TYR A 141 -12.71 -5.33 -11.74
CA TYR A 141 -12.88 -4.73 -10.42
C TYR A 141 -14.28 -4.16 -10.25
N PHE A 142 -14.74 -3.34 -11.19
CA PHE A 142 -16.07 -2.76 -11.05
C PHE A 142 -17.16 -3.82 -11.17
N ARG A 143 -16.91 -4.93 -11.85
CA ARG A 143 -17.87 -6.03 -11.84
C ARG A 143 -18.01 -6.63 -10.45
N ALA A 144 -16.88 -7.01 -9.83
CA ALA A 144 -16.92 -7.56 -8.49
C ALA A 144 -17.60 -6.61 -7.53
N LYS A 145 -17.17 -5.34 -7.50
CA LYS A 145 -17.75 -4.38 -6.57
C LYS A 145 -19.21 -4.11 -6.86
N GLY A 146 -19.58 -4.00 -8.14
CA GLY A 146 -20.94 -3.66 -8.51
C GLY A 146 -21.95 -4.75 -8.25
N THR A 147 -21.50 -6.01 -8.13
CA THR A 147 -22.40 -7.13 -7.89
C THR A 147 -22.28 -7.67 -6.47
N ASN A 148 -21.60 -6.95 -5.59
CA ASN A 148 -21.45 -7.37 -4.20
C ASN A 148 -22.65 -6.87 -3.40
N PRO A 149 -23.51 -7.75 -2.86
CA PRO A 149 -24.64 -7.27 -2.06
C PRO A 149 -24.20 -6.64 -0.75
N LEU A 150 -22.97 -6.87 -0.33
CA LEU A 150 -22.46 -6.38 0.94
C LEU A 150 -21.98 -4.94 0.89
N GLU A 151 -21.91 -4.35 -0.30
CA GLU A 151 -21.51 -2.96 -0.41
C GLU A 151 -22.47 -2.06 0.37
N GLN A 152 -21.90 -1.07 1.05
CA GLN A 152 -22.72 -0.22 1.91
C GLN A 152 -23.57 0.74 1.09
N ASP A 153 -23.00 1.29 0.02
CA ASP A 153 -23.66 2.31 -0.77
C ASP A 153 -23.91 1.82 -2.19
N SER A 154 -24.91 2.42 -2.83
CA SER A 154 -25.28 2.09 -4.20
C SER A 154 -24.28 2.60 -5.23
N THR A 155 -23.17 3.21 -4.81
CA THR A 155 -22.29 3.87 -5.77
C THR A 155 -21.72 2.88 -6.79
N PHE A 156 -21.15 1.78 -6.31
CA PHE A 156 -20.50 0.84 -7.22
C PHE A 156 -21.50 0.19 -8.17
N ALA A 157 -22.69 -0.15 -7.66
CA ALA A 157 -23.70 -0.75 -8.53
C ALA A 157 -24.11 0.20 -9.64
N GLU A 158 -24.31 1.48 -9.31
CA GLU A 158 -24.66 2.47 -10.32
C GLU A 158 -23.55 2.65 -11.34
N LEU A 159 -22.30 2.77 -10.86
CA LEU A 159 -21.20 2.86 -11.81
C LEU A 159 -21.17 1.65 -12.72
N TRP A 160 -21.37 0.45 -12.17
CA TRP A 160 -21.31 -0.77 -12.98
C TRP A 160 -22.40 -0.78 -14.03
N ARG A 161 -23.59 -0.25 -13.71
CA ARG A 161 -24.67 -0.22 -14.70
C ARG A 161 -24.28 0.58 -15.92
N THR A 162 -23.56 1.68 -15.74
CA THR A 162 -23.12 2.48 -16.88
C THR A 162 -21.90 1.84 -17.56
N ILE A 163 -20.94 1.38 -16.77
CA ILE A 163 -19.71 0.83 -17.33
C ILE A 163 -20.01 -0.41 -18.17
N SER A 164 -20.87 -1.28 -17.67
CA SER A 164 -21.13 -2.59 -18.28
C SER A 164 -22.24 -2.56 -19.32
N LYS A 165 -22.77 -1.39 -19.66
CA LYS A 165 -23.89 -1.31 -20.58
C LYS A 165 -23.55 -2.00 -21.89
N ASN A 166 -24.45 -2.89 -22.34
CA ASN A 166 -24.25 -3.63 -23.59
C ASN A 166 -22.93 -4.38 -23.57
N GLY A 167 -22.74 -5.18 -22.52
CA GLY A 167 -21.51 -5.93 -22.34
C GLY A 167 -20.25 -5.10 -22.43
N GLY A 168 -20.35 -3.82 -22.05
CA GLY A 168 -19.21 -2.93 -22.05
C GLY A 168 -18.91 -2.25 -23.36
N ALA A 169 -19.67 -2.57 -24.41
CA ALA A 169 -19.36 -2.03 -25.74
C ALA A 169 -19.62 -0.54 -25.81
N ASP A 170 -20.66 -0.05 -25.13
CA ASP A 170 -21.08 1.32 -25.34
C ASP A 170 -20.13 2.33 -24.69
N ASN A 171 -19.66 2.04 -23.47
CA ASN A 171 -19.04 3.07 -22.66
C ASN A 171 -17.57 2.80 -22.31
N CYS A 172 -17.02 1.70 -22.76
CA CYS A 172 -15.62 1.37 -22.50
C CYS A 172 -14.80 1.54 -23.78
N VAL A 173 -13.49 1.56 -23.62
CA VAL A 173 -12.56 1.85 -24.70
C VAL A 173 -11.59 0.68 -24.84
N SER A 174 -10.87 0.69 -25.96
CA SER A 174 -9.98 -0.40 -26.31
C SER A 174 -8.61 -0.31 -25.66
N SER A 175 -8.18 0.88 -25.24
CA SER A 175 -6.84 1.08 -24.70
C SER A 175 -6.86 2.32 -23.82
N PRO A 176 -5.90 2.44 -22.89
CA PRO A 176 -5.83 3.67 -22.08
C PRO A 176 -5.62 4.92 -22.91
N SER A 177 -4.83 4.84 -23.99
CA SER A 177 -4.58 6.04 -24.79
C SER A 177 -5.86 6.54 -25.46
N GLU A 178 -6.80 5.64 -25.76
CA GLU A 178 -8.10 6.06 -26.27
C GLU A 178 -8.92 6.74 -25.17
N GLY A 179 -8.91 6.16 -23.96
CA GLY A 179 -9.63 6.77 -22.87
C GLY A 179 -9.12 8.16 -22.54
N ILE A 180 -7.80 8.34 -22.55
CA ILE A 180 -7.22 9.65 -22.26
C ILE A 180 -7.60 10.65 -23.33
N ARG A 181 -7.53 10.25 -24.60
CA ARG A 181 -7.85 11.19 -25.68
C ARG A 181 -9.30 11.64 -25.59
N LYS A 182 -10.22 10.71 -25.28
CA LYS A 182 -11.63 11.05 -25.24
C LYS A 182 -11.99 11.93 -24.06
N ALA A 183 -11.30 11.75 -22.92
CA ALA A 183 -11.54 12.64 -21.78
C ALA A 183 -11.05 14.05 -22.08
N LYS A 184 -9.89 14.16 -22.75
CA LYS A 184 -9.38 15.47 -23.12
C LYS A 184 -10.29 16.16 -24.12
N LYS A 185 -10.96 15.39 -25.00
CA LYS A 185 -11.90 16.00 -25.93
C LYS A 185 -13.11 16.56 -25.19
N GLY A 186 -13.64 15.80 -24.23
CA GLY A 186 -14.83 16.20 -23.52
C GLY A 186 -15.97 15.21 -23.59
N ASN A 187 -16.94 15.35 -22.67
CA ASN A 187 -18.13 14.50 -22.61
C ASN A 187 -17.77 13.02 -22.44
N TYR A 188 -16.60 12.73 -21.86
CA TYR A 188 -16.25 11.38 -21.46
C TYR A 188 -15.33 11.45 -20.24
N ALA A 189 -15.60 10.58 -19.27
CA ALA A 189 -14.76 10.44 -18.08
C ALA A 189 -14.15 9.04 -18.10
N PHE A 190 -12.82 8.97 -17.97
CA PHE A 190 -12.07 7.73 -18.11
C PHE A 190 -11.57 7.27 -16.74
N LEU A 191 -11.88 6.02 -16.39
CA LEU A 191 -11.48 5.42 -15.13
C LEU A 191 -10.31 4.47 -15.37
N TRP A 192 -9.20 4.72 -14.69
CA TRP A 192 -7.97 3.98 -14.92
C TRP A 192 -7.01 4.32 -13.78
N ASP A 193 -5.81 3.73 -13.82
CA ASP A 193 -4.79 3.97 -12.80
C ASP A 193 -4.74 5.45 -12.46
N VAL A 194 -4.93 5.80 -11.18
CA VAL A 194 -4.83 7.21 -10.81
C VAL A 194 -3.49 7.79 -11.25
N ALA A 195 -2.41 7.00 -11.15
CA ALA A 195 -1.09 7.52 -11.50
C ALA A 195 -0.95 7.75 -12.99
N VAL A 196 -1.61 6.92 -13.81
CA VAL A 196 -1.54 7.11 -15.26
C VAL A 196 -2.32 8.36 -15.66
N VAL A 197 -3.52 8.54 -15.10
CA VAL A 197 -4.32 9.70 -15.51
C VAL A 197 -3.78 10.98 -14.89
N GLU A 198 -3.12 10.90 -13.72
CA GLU A 198 -2.48 12.08 -13.16
CA GLU A 198 -2.48 12.08 -13.16
C GLU A 198 -1.38 12.61 -14.09
N TYR A 199 -0.57 11.71 -14.65
CA TYR A 199 0.47 12.14 -15.58
C TYR A 199 -0.15 12.78 -16.81
N ALA A 200 -1.22 12.19 -17.34
CA ALA A 200 -1.89 12.77 -18.50
C ALA A 200 -2.39 14.18 -18.20
N ALA A 201 -2.87 14.42 -16.98
CA ALA A 201 -3.38 15.76 -16.65
C ALA A 201 -2.25 16.73 -16.38
N LEU A 202 -1.16 16.27 -15.75
CA LEU A 202 -0.03 17.15 -15.48
C LEU A 202 0.61 17.63 -16.77
N THR A 203 0.58 16.82 -17.82
CA THR A 203 1.28 17.12 -19.07
C THR A 203 0.34 17.54 -20.18
N ASP A 204 -0.91 17.86 -19.86
CA ASP A 204 -1.88 18.27 -20.88
C ASP A 204 -1.47 19.60 -21.48
N ASP A 205 -1.42 19.66 -22.82
CA ASP A 205 -0.94 20.87 -23.47
C ASP A 205 -1.79 22.08 -23.10
N ASP A 206 -3.09 21.88 -22.87
CA ASP A 206 -3.99 22.97 -22.52
C ASP A 206 -4.32 23.03 -21.04
N CYS A 207 -3.78 22.11 -20.23
CA CYS A 207 -4.07 22.05 -18.80
C CYS A 207 -5.58 22.12 -18.56
N SER A 208 -6.31 21.28 -19.29
CA SER A 208 -7.76 21.36 -19.35
C SER A 208 -8.47 20.19 -18.68
N VAL A 209 -7.73 19.27 -18.06
CA VAL A 209 -8.33 18.11 -17.42
C VAL A 209 -7.87 18.03 -15.96
N THR A 210 -8.59 17.25 -15.18
CA THR A 210 -8.28 17.03 -13.78
C THR A 210 -8.56 15.58 -13.43
N VAL A 211 -8.15 15.18 -12.24
CA VAL A 211 -8.26 13.80 -11.78
C VAL A 211 -9.06 13.79 -10.49
N ILE A 212 -10.03 12.88 -10.41
CA ILE A 212 -10.74 12.59 -9.18
C ILE A 212 -10.19 11.28 -8.61
N GLY A 213 -9.59 11.36 -7.43
CA GLY A 213 -9.12 10.18 -6.74
C GLY A 213 -10.05 9.82 -5.60
N ASN A 214 -9.52 9.78 -4.38
CA ASN A 214 -10.26 9.44 -3.17
C ASN A 214 -10.58 7.96 -3.07
N SER A 215 -10.26 7.17 -4.09
CA SER A 215 -10.40 5.72 -4.00
C SER A 215 -9.31 5.17 -3.09
N ILE A 216 -9.70 4.29 -2.16
CA ILE A 216 -8.73 3.71 -1.25
C ILE A 216 -7.87 2.72 -2.03
N SER A 217 -6.61 2.58 -1.62
CA SER A 217 -5.69 1.66 -2.27
C SER A 217 -5.89 0.25 -1.73
N SER A 218 -6.12 -0.69 -2.64
CA SER A 218 -6.18 -2.11 -2.28
C SER A 218 -4.94 -2.87 -2.72
N LYS A 219 -4.28 -2.40 -3.78
CA LYS A 219 -3.24 -3.17 -4.44
C LYS A 219 -1.96 -2.38 -4.59
N GLY A 220 -0.91 -3.09 -5.00
CA GLY A 220 0.36 -2.48 -5.29
C GLY A 220 0.84 -2.87 -6.68
N TYR A 221 1.71 -2.03 -7.22
CA TYR A 221 2.45 -2.35 -8.43
C TYR A 221 3.67 -3.18 -8.08
N GLY A 222 3.94 -4.24 -8.87
CA GLY A 222 5.08 -5.10 -8.60
C GLY A 222 5.79 -5.51 -9.88
N ILE A 223 6.97 -6.07 -9.71
CA ILE A 223 7.70 -6.71 -10.79
C ILE A 223 7.36 -8.20 -10.79
N ALA A 224 6.95 -8.73 -11.93
CA ALA A 224 6.59 -10.13 -12.07
C ALA A 224 7.79 -10.93 -12.56
N LEU A 225 8.07 -12.03 -11.89
CA LEU A 225 9.14 -12.96 -12.24
C LEU A 225 8.55 -14.34 -12.51
N GLN A 226 9.37 -15.22 -13.07
CA GLN A 226 8.92 -16.59 -13.30
C GLN A 226 8.64 -17.27 -11.97
N HIS A 227 7.74 -18.26 -12.00
CA HIS A 227 7.49 -19.10 -10.84
C HIS A 227 8.80 -19.65 -10.30
N GLY A 228 8.99 -19.51 -8.98
CA GLY A 228 10.19 -20.01 -8.36
C GLY A 228 11.46 -19.29 -8.75
N SER A 229 11.34 -18.06 -9.23
CA SER A 229 12.53 -17.34 -9.68
C SER A 229 13.43 -17.05 -8.48
N PRO A 230 14.74 -17.29 -8.59
CA PRO A 230 15.65 -16.95 -7.48
C PRO A 230 15.82 -15.45 -7.26
N TYR A 231 15.28 -14.60 -8.13
CA TYR A 231 15.46 -13.16 -8.00
C TYR A 231 14.30 -12.46 -7.31
N ARG A 232 13.17 -13.13 -7.10
CA ARG A 232 12.01 -12.46 -6.53
C ARG A 232 12.35 -11.87 -5.16
N ASP A 233 13.00 -12.65 -4.29
CA ASP A 233 13.27 -12.18 -2.93
C ASP A 233 14.37 -11.13 -2.91
N LEU A 234 15.37 -11.28 -3.77
CA LEU A 234 16.41 -10.27 -3.88
C LEU A 234 15.83 -8.93 -4.33
N PHE A 235 14.90 -8.95 -5.29
CA PHE A 235 14.25 -7.73 -5.73
C PHE A 235 13.48 -7.07 -4.59
N SER A 236 12.68 -7.87 -3.86
CA SER A 236 11.90 -7.31 -2.76
C SER A 236 12.79 -6.61 -1.75
N GLN A 237 13.91 -7.21 -1.40
CA GLN A 237 14.82 -6.62 -0.42
C GLN A 237 15.34 -5.28 -0.89
N ARG A 238 15.76 -5.20 -2.16
CA ARG A 238 16.32 -3.95 -2.66
CA ARG A 238 16.31 -3.95 -2.69
C ARG A 238 15.24 -2.89 -2.81
N ILE A 239 14.02 -3.30 -3.18
CA ILE A 239 12.91 -2.34 -3.30
C ILE A 239 12.61 -1.71 -1.94
N LEU A 240 12.57 -2.53 -0.90
CA LEU A 240 12.36 -2.01 0.45
C LEU A 240 13.47 -1.04 0.84
N GLU A 241 14.70 -1.31 0.36
CA GLU A 241 15.81 -0.39 0.64
C GLU A 241 15.66 0.92 -0.13
N LEU A 242 15.25 0.84 -1.39
CA LEU A 242 15.06 2.05 -2.18
C LEU A 242 13.97 2.93 -1.60
N GLN A 243 12.92 2.31 -1.06
CA GLN A 243 11.88 3.06 -0.37
C GLN A 243 12.42 3.71 0.89
N ASP A 244 13.12 2.92 1.72
CA ASP A 244 13.58 3.41 3.02
C ASP A 244 14.53 4.60 2.86
N THR A 245 15.39 4.57 1.84
CA THR A 245 16.38 5.64 1.68
C THR A 245 15.79 6.90 1.07
N GLY A 246 14.60 6.83 0.49
CA GLY A 246 14.01 7.95 -0.22
C GLY A 246 14.21 7.95 -1.70
N ASP A 247 14.93 6.97 -2.24
CA ASP A 247 15.23 6.96 -3.67
C ASP A 247 13.97 6.81 -4.50
N LEU A 248 13.03 6.00 -4.04
CA LEU A 248 11.80 5.85 -4.80
C LEU A 248 10.98 7.14 -4.79
N ASP A 249 10.98 7.89 -3.69
CA ASP A 249 10.31 9.18 -3.67
C ASP A 249 10.94 10.14 -4.68
N VAL A 250 12.27 10.13 -4.77
CA VAL A 250 12.95 11.00 -5.73
C VAL A 250 12.52 10.64 -7.16
N LEU A 251 12.43 9.34 -7.45
CA LEU A 251 12.03 8.93 -8.79
C LEU A 251 10.58 9.29 -9.08
N LYS A 252 9.70 9.23 -8.07
CA LYS A 252 8.32 9.64 -8.27
C LYS A 252 8.23 11.13 -8.59
N GLN A 253 9.02 11.95 -7.88
CA GLN A 253 9.05 13.39 -8.19
C GLN A 253 9.61 13.65 -9.58
N LYS A 254 10.56 12.83 -10.02
CA LYS A 254 11.12 12.99 -11.36
C LYS A 254 10.04 12.84 -12.43
N TRP A 255 9.16 11.84 -12.29
CA TRP A 255 8.23 11.50 -13.37
C TRP A 255 6.83 12.03 -13.16
N TRP A 256 6.48 12.46 -11.96
CA TRP A 256 5.22 13.16 -11.69
C TRP A 256 5.54 14.53 -11.10
N PRO A 257 6.24 15.39 -11.86
CA PRO A 257 6.59 16.72 -11.32
C PRO A 257 5.37 17.60 -11.15
N HIS A 258 4.97 17.85 -9.89
CA HIS A 258 3.83 18.75 -9.67
C HIS A 258 4.21 20.20 -9.99
N MET A 259 5.39 20.63 -9.55
CA MET A 259 5.80 22.01 -9.80
C MET A 259 6.23 22.19 -11.25
N GLY A 260 5.81 23.31 -11.84
CA GLY A 260 6.13 23.61 -13.22
C GLY A 260 5.22 22.97 -14.24
N ARG A 261 4.20 22.24 -13.80
CA ARG A 261 3.26 21.55 -14.66
C ARG A 261 1.85 22.10 -14.42
N CYS A 262 0.88 21.49 -15.08
CA CYS A 262 -0.50 21.92 -14.92
C CYS A 262 -0.91 21.86 -13.45
N ASP A 263 -1.65 22.87 -13.02
CA ASP A 263 -2.39 22.81 -11.76
C ASP A 263 -3.62 21.94 -11.97
N LEU A 264 -3.79 20.93 -11.13
CA LEU A 264 -4.95 20.05 -11.22
C LEU A 264 -6.06 20.45 -10.26
N THR A 265 -5.84 21.47 -9.44
CA THR A 265 -6.82 21.92 -8.45
C THR A 265 -7.94 22.72 -9.10
N LEU B 2 0.06 -30.72 12.46
CA LEU B 2 1.02 -29.62 12.31
C LEU B 2 0.62 -28.40 13.12
N THR B 3 1.50 -27.99 14.04
CA THR B 3 1.25 -26.87 14.93
C THR B 3 2.41 -25.89 14.83
N LEU B 4 2.08 -24.62 14.60
CA LEU B 4 3.08 -23.56 14.48
CA LEU B 4 3.07 -23.57 14.49
C LEU B 4 3.12 -22.75 15.77
N LYS B 5 4.33 -22.36 16.17
CA LYS B 5 4.54 -21.56 17.37
C LYS B 5 4.54 -20.08 16.99
N VAL B 6 3.61 -19.32 17.56
CA VAL B 6 3.38 -17.93 17.17
C VAL B 6 3.77 -17.02 18.32
N VAL B 7 4.67 -16.07 18.04
CA VAL B 7 5.05 -15.05 19.01
C VAL B 7 4.31 -13.76 18.67
N THR B 8 3.94 -13.01 19.70
CA THR B 8 3.11 -11.83 19.50
C THR B 8 3.40 -10.83 20.61
N VAL B 9 2.86 -9.62 20.43
CA VAL B 9 2.89 -8.57 21.44
CA VAL B 9 2.90 -8.57 21.43
C VAL B 9 1.52 -7.93 21.48
N LEU B 10 1.05 -7.64 22.68
CA LEU B 10 -0.27 -7.03 22.83
C LEU B 10 -0.28 -5.63 22.23
N GLU B 11 -1.30 -5.34 21.42
CA GLU B 11 -1.49 -4.01 20.88
C GLU B 11 -2.88 -3.91 20.29
N GLU B 12 -3.71 -3.06 20.87
CA GLU B 12 -5.10 -2.98 20.47
C GLU B 12 -5.23 -2.27 19.12
N PRO B 13 -6.15 -2.73 18.24
CA PRO B 13 -7.04 -3.89 18.33
C PRO B 13 -6.51 -5.09 17.56
N PHE B 14 -5.20 -5.08 17.26
CA PHE B 14 -4.59 -6.15 16.48
C PHE B 14 -4.52 -7.45 17.26
N VAL B 15 -4.02 -7.40 18.50
CA VAL B 15 -3.93 -8.56 19.37
C VAL B 15 -4.26 -8.12 20.78
N MET B 16 -5.30 -8.72 21.38
CA MET B 16 -5.75 -8.35 22.70
C MET B 16 -6.07 -9.62 23.48
N VAL B 17 -5.91 -9.55 24.80
CA VAL B 17 -6.28 -10.67 25.65
C VAL B 17 -7.80 -10.86 25.61
N ALA B 18 -8.22 -12.10 25.39
CA ALA B 18 -9.61 -12.49 25.45
C ALA B 18 -9.91 -13.12 26.80
N GLU B 19 -11.16 -13.04 27.23
CA GLU B 19 -11.54 -13.58 28.53
C GLU B 19 -11.30 -15.09 28.55
N ASN B 20 -10.68 -15.56 29.64
CA ASN B 20 -10.44 -16.98 29.85
C ASN B 20 -10.84 -17.36 31.28
N ILE B 21 -11.27 -18.61 31.45
CA ILE B 21 -11.62 -19.08 32.78
C ILE B 21 -10.38 -19.13 33.66
N LEU B 22 -10.58 -18.95 34.96
CA LEU B 22 -9.50 -19.21 35.91
C LEU B 22 -8.95 -20.61 35.68
N GLY B 23 -7.63 -20.75 35.84
CA GLY B 23 -7.01 -22.05 35.68
C GLY B 23 -6.91 -22.56 34.26
N GLN B 24 -7.18 -21.73 33.27
CA GLN B 24 -7.07 -22.12 31.87
C GLN B 24 -6.20 -21.14 31.13
N PRO B 25 -5.58 -21.56 30.03
CA PRO B 25 -4.54 -20.74 29.39
C PRO B 25 -5.11 -19.50 28.73
N LYS B 26 -4.23 -18.51 28.54
CA LYS B 26 -4.61 -17.26 27.91
C LYS B 26 -5.20 -17.51 26.52
N ARG B 27 -6.16 -16.67 26.15
CA ARG B 27 -6.73 -16.63 24.82
C ARG B 27 -6.51 -15.24 24.25
N TYR B 28 -6.47 -15.15 22.94
CA TYR B 28 -6.22 -13.87 22.27
C TYR B 28 -7.28 -13.61 21.21
N LYS B 29 -7.46 -12.32 20.92
CA LYS B 29 -8.44 -11.86 19.96
C LYS B 29 -7.92 -10.58 19.34
N GLY B 30 -8.53 -10.19 18.23
CA GLY B 30 -8.13 -9.00 17.51
C GLY B 30 -8.03 -9.24 16.02
N PHE B 31 -7.73 -8.14 15.31
CA PHE B 31 -7.70 -8.17 13.85
C PHE B 31 -6.64 -9.13 13.36
N SER B 32 -5.43 -9.09 13.93
CA SER B 32 -4.36 -9.98 13.47
C SER B 32 -4.67 -11.43 13.84
N ILE B 33 -5.32 -11.65 14.98
CA ILE B 33 -5.71 -13.01 15.34
C ILE B 33 -6.68 -13.58 14.32
N ASP B 34 -7.63 -12.76 13.88
CA ASP B 34 -8.60 -13.21 12.89
C ASP B 34 -7.94 -13.49 11.54
N VAL B 35 -6.95 -12.67 11.17
CA VAL B 35 -6.19 -12.95 9.96
C VAL B 35 -5.47 -14.29 10.09
N LEU B 36 -4.77 -14.48 11.21
CA LEU B 36 -4.10 -15.76 11.46
C LEU B 36 -5.08 -16.92 11.43
N ASP B 37 -6.23 -16.78 12.08
CA ASP B 37 -7.23 -17.84 12.07
C ASP B 37 -7.65 -18.17 10.64
N ALA B 38 -7.92 -17.15 9.84
CA ALA B 38 -8.32 -17.38 8.45
C ALA B 38 -7.26 -18.16 7.70
N LEU B 39 -5.98 -17.84 7.93
CA LEU B 39 -4.91 -18.58 7.28
C LEU B 39 -4.87 -20.02 7.77
N ALA B 40 -5.03 -20.23 9.08
CA ALA B 40 -4.97 -21.59 9.62
C ALA B 40 -6.11 -22.44 9.07
N LYS B 41 -7.30 -21.85 8.90
CA LYS B 41 -8.43 -22.59 8.36
C LYS B 41 -8.20 -22.94 6.89
N ALA B 42 -7.75 -21.97 6.10
CA ALA B 42 -7.60 -22.20 4.67
C ALA B 42 -6.44 -23.14 4.37
N LEU B 43 -5.31 -22.97 5.05
CA LEU B 43 -4.15 -23.83 4.84
C LEU B 43 -4.21 -25.11 5.67
N GLY B 44 -5.00 -25.13 6.74
CA GLY B 44 -5.13 -26.31 7.56
C GLY B 44 -3.95 -26.54 8.48
N PHE B 45 -3.79 -25.68 9.49
CA PHE B 45 -2.79 -25.91 10.52
C PHE B 45 -3.33 -25.42 11.85
N LYS B 46 -2.67 -25.84 12.91
CA LYS B 46 -2.93 -25.41 14.28
C LYS B 46 -1.81 -24.49 14.73
N TYR B 47 -2.05 -23.73 15.80
CA TYR B 47 -1.01 -22.85 16.31
C TYR B 47 -1.16 -22.64 17.80
N GLU B 48 -0.06 -22.23 18.42
CA GLU B 48 -0.02 -21.86 19.84
C GLU B 48 0.72 -20.54 19.98
N ILE B 49 0.20 -19.66 20.82
CA ILE B 49 0.67 -18.28 20.91
C ILE B 49 1.40 -18.07 22.23
N TYR B 50 2.47 -17.27 22.18
CA TYR B 50 3.15 -16.79 23.37
C TYR B 50 3.58 -15.35 23.12
N GLN B 51 3.75 -14.61 24.21
CA GLN B 51 4.10 -13.20 24.12
C GLN B 51 5.61 -13.04 24.24
N ALA B 52 6.17 -12.14 23.42
CA ALA B 52 7.59 -11.87 23.48
C ALA B 52 8.00 -11.55 24.92
N PRO B 53 9.00 -12.24 25.47
CA PRO B 53 9.31 -12.03 26.90
C PRO B 53 9.58 -10.58 27.26
N ASP B 54 10.12 -9.79 26.34
CA ASP B 54 10.37 -8.36 26.59
C ASP B 54 9.28 -7.47 26.01
N GLY B 55 8.25 -8.04 25.40
CA GLY B 55 7.18 -7.24 24.82
C GLY B 55 7.63 -6.33 23.72
N ARG B 56 8.69 -6.68 23.00
CA ARG B 56 9.29 -5.81 22.00
C ARG B 56 9.15 -6.41 20.60
N TYR B 57 8.96 -5.54 19.62
CA TYR B 57 9.05 -5.96 18.22
C TYR B 57 10.46 -6.46 17.92
N GLY B 58 11.47 -5.80 18.43
CA GLY B 58 12.84 -6.22 18.30
C GLY B 58 13.65 -5.29 17.40
N HIS B 59 14.91 -5.09 17.78
CA HIS B 59 15.86 -4.32 16.98
C HIS B 59 17.23 -4.96 17.13
N GLN B 60 18.19 -4.47 16.35
CA GLN B 60 19.53 -5.03 16.37
C GLN B 60 20.35 -4.46 17.52
N LEU B 61 21.05 -5.33 18.22
CA LEU B 61 21.97 -4.95 19.29
C LEU B 61 23.42 -5.15 18.91
N HIS B 62 23.75 -6.27 18.29
CA HIS B 62 25.07 -6.55 17.75
C HIS B 62 24.87 -7.39 16.50
N ASN B 63 25.96 -7.62 15.75
CA ASN B 63 25.90 -8.43 14.55
C ASN B 63 25.26 -9.78 14.85
N THR B 64 24.03 -10.00 14.36
CA THR B 64 23.21 -11.19 14.52
C THR B 64 22.43 -11.20 15.83
N SER B 65 22.63 -10.22 16.72
CA SER B 65 21.98 -10.20 18.02
C SER B 65 20.78 -9.26 17.95
N TRP B 66 19.59 -9.85 17.89
CA TRP B 66 18.33 -9.10 17.91
C TRP B 66 17.52 -9.52 19.13
N ASN B 67 16.78 -8.57 19.70
CA ASN B 67 15.86 -8.90 20.77
C ASN B 67 14.43 -8.93 20.20
N GLY B 68 13.45 -8.98 21.09
CA GLY B 68 12.06 -8.93 20.65
C GLY B 68 11.63 -10.13 19.82
N MET B 69 10.53 -9.92 19.10
CA MET B 69 9.98 -10.98 18.25
C MET B 69 10.94 -11.34 17.14
N ILE B 70 11.62 -10.34 16.55
CA ILE B 70 12.60 -10.65 15.50
C ILE B 70 13.64 -11.62 16.02
N GLY B 71 14.11 -11.40 17.25
CA GLY B 71 15.07 -12.32 17.84
C GLY B 71 14.49 -13.72 18.02
N GLU B 72 13.22 -13.81 18.40
CA GLU B 72 12.59 -15.11 18.57
C GLU B 72 12.59 -15.89 17.26
N LEU B 73 12.33 -15.22 16.14
CA LEU B 73 12.35 -15.89 14.84
C LEU B 73 13.77 -16.28 14.45
N ILE B 74 14.74 -15.36 14.66
CA ILE B 74 16.13 -15.65 14.29
C ILE B 74 16.61 -16.91 15.00
N SER B 75 16.39 -16.99 16.30
CA SER B 75 16.75 -18.19 17.06
C SER B 75 15.85 -19.37 16.77
N LYS B 76 14.78 -19.18 15.99
CA LYS B 76 13.83 -20.23 15.65
C LYS B 76 13.04 -20.73 16.86
N ARG B 77 12.92 -19.91 17.90
CA ARG B 77 12.00 -20.25 18.98
C ARG B 77 10.55 -20.13 18.55
N ALA B 78 10.27 -19.32 17.54
CA ALA B 78 8.94 -19.21 16.96
C ALA B 78 8.98 -19.49 15.46
N ASP B 79 7.84 -19.92 14.93
CA ASP B 79 7.67 -20.10 13.49
C ASP B 79 7.24 -18.83 12.78
N LEU B 80 6.53 -17.95 13.50
CA LEU B 80 6.07 -16.71 12.91
C LEU B 80 5.72 -15.74 14.03
N ALA B 81 5.73 -14.46 13.68
CA ALA B 81 5.34 -13.38 14.57
C ALA B 81 4.26 -12.56 13.88
N ILE B 82 3.22 -12.22 14.62
CA ILE B 82 2.11 -11.41 14.10
C ILE B 82 1.66 -10.48 15.20
N SER B 83 1.54 -9.19 14.87
CA SER B 83 0.96 -8.19 15.75
C SER B 83 0.60 -7.00 14.88
N ALA B 84 1.36 -5.90 14.98
CA ALA B 84 1.24 -4.78 14.05
C ALA B 84 2.63 -4.43 13.50
N ILE B 85 3.25 -5.44 12.88
CA ILE B 85 4.66 -5.37 12.50
C ILE B 85 4.79 -4.82 11.09
N THR B 86 5.47 -3.68 10.96
CA THR B 86 5.69 -3.12 9.62
C THR B 86 6.85 -3.84 8.94
N ILE B 87 6.73 -3.95 7.61
CA ILE B 87 7.74 -4.56 6.76
C ILE B 87 8.80 -3.51 6.45
N THR B 88 10.00 -3.71 6.97
CA THR B 88 11.13 -2.81 6.76
C THR B 88 12.30 -3.60 6.17
N PRO B 89 13.23 -2.93 5.48
CA PRO B 89 14.36 -3.66 4.90
C PRO B 89 15.29 -4.28 5.94
N GLU B 90 15.50 -3.58 7.05
CA GLU B 90 16.37 -4.12 8.10
C GLU B 90 15.81 -5.43 8.65
N ARG B 91 14.48 -5.50 8.84
CA ARG B 91 13.89 -6.73 9.35
C ARG B 91 13.84 -7.81 8.29
N GLU B 92 13.51 -7.43 7.05
CA GLU B 92 13.43 -8.41 5.97
C GLU B 92 14.78 -9.03 5.64
N SER B 93 15.89 -8.35 5.97
CA SER B 93 17.19 -8.96 5.68
C SER B 93 17.48 -10.15 6.59
N VAL B 94 16.87 -10.22 7.76
CA VAL B 94 17.14 -11.29 8.71
C VAL B 94 15.98 -12.26 8.89
N VAL B 95 14.74 -11.87 8.61
CA VAL B 95 13.60 -12.78 8.58
C VAL B 95 12.89 -12.61 7.24
N ASP B 96 11.81 -13.37 7.05
CA ASP B 96 11.08 -13.36 5.78
C ASP B 96 9.63 -12.98 6.03
N PHE B 97 9.22 -11.82 5.51
CA PHE B 97 7.86 -11.31 5.64
C PHE B 97 6.96 -11.82 4.52
N SER B 98 5.72 -12.13 4.86
CA SER B 98 4.67 -12.25 3.85
C SER B 98 4.40 -10.88 3.22
N LYS B 99 3.72 -10.89 2.07
CA LYS B 99 3.13 -9.67 1.56
C LYS B 99 2.15 -9.11 2.59
N ARG B 100 1.94 -7.81 2.52
CA ARG B 100 1.20 -7.10 3.56
C ARG B 100 -0.27 -7.53 3.57
N TYR B 101 -0.86 -7.49 4.76
CA TYR B 101 -2.29 -7.72 4.92
C TYR B 101 -3.05 -6.46 5.31
N MET B 102 -2.37 -5.30 5.38
CA MET B 102 -2.96 -4.02 5.71
C MET B 102 -1.90 -2.94 5.51
N ASP B 103 -2.33 -1.76 5.10
CA ASP B 103 -1.42 -0.64 4.91
C ASP B 103 -1.20 0.07 6.25
N TYR B 104 -0.01 0.63 6.40
CA TYR B 104 0.40 1.39 7.59
C TYR B 104 0.61 2.85 7.22
N SER B 105 0.26 3.74 8.14
CA SER B 105 0.67 5.14 8.03
C SER B 105 0.69 5.74 9.43
N VAL B 106 1.30 6.91 9.53
CA VAL B 106 1.40 7.63 10.78
C VAL B 106 0.23 8.61 10.87
N GLY B 107 -0.38 8.71 12.06
CA GLY B 107 -1.46 9.63 12.30
C GLY B 107 -1.18 10.49 13.54
N ILE B 108 -2.08 11.43 13.77
CA ILE B 108 -2.02 12.33 14.91
C ILE B 108 -3.24 12.11 15.78
N LEU B 109 -3.03 11.87 17.07
CA LEU B 109 -4.10 11.82 18.08
C LEU B 109 -4.07 13.13 18.87
N ILE B 110 -5.22 13.79 18.96
CA ILE B 110 -5.30 15.12 19.58
C ILE B 110 -6.72 15.33 20.09
N LYS B 111 -6.85 16.18 21.10
CA LYS B 111 -8.16 16.50 21.63
C LYS B 111 -9.00 17.17 20.54
N LYS B 112 -10.29 16.88 20.55
CA LYS B 112 -11.20 17.52 19.61
C LYS B 112 -11.26 19.01 19.89
N GLY B 113 -11.60 19.77 18.85
CA GLY B 113 -11.92 21.18 19.02
C GLY B 113 -10.82 22.18 18.78
N THR B 114 -9.69 21.78 18.22
CA THR B 114 -8.66 22.73 17.84
C THR B 114 -8.80 23.08 16.36
N PRO B 115 -8.14 24.15 15.92
CA PRO B 115 -8.06 24.45 14.48
C PRO B 115 -7.11 23.57 13.70
N ILE B 116 -6.48 22.57 14.34
CA ILE B 116 -5.52 21.70 13.66
C ILE B 116 -6.29 20.60 12.94
N ARG B 117 -6.14 20.53 11.61
CA ARG B 117 -6.81 19.52 10.83
C ARG B 117 -5.89 18.74 9.90
N THR B 118 -4.61 19.10 9.80
CA THR B 118 -3.69 18.42 8.91
C THR B 118 -2.31 18.34 9.56
N PHE B 119 -1.44 17.53 8.97
CA PHE B 119 -0.04 17.52 9.39
C PHE B 119 0.59 18.89 9.19
N GLN B 120 0.20 19.60 8.13
CA GLN B 120 0.78 20.93 7.92
C GLN B 120 0.36 21.88 9.03
N ASP B 121 -0.91 21.82 9.45
CA ASP B 121 -1.36 22.66 10.55
C ASP B 121 -0.57 22.38 11.82
N LEU B 122 -0.31 21.11 12.13
CA LEU B 122 0.47 20.78 13.31
C LEU B 122 1.86 21.39 13.21
N SER B 123 2.47 21.31 12.02
CA SER B 123 3.83 21.80 11.83
C SER B 123 3.93 23.31 12.00
N LYS B 124 2.82 24.03 11.86
CA LYS B 124 2.86 25.48 12.03
C LYS B 124 2.78 25.91 13.49
N GLN B 125 2.57 24.96 14.40
CA GLN B 125 2.35 25.32 15.80
C GLN B 125 3.62 25.86 16.43
N VAL B 126 3.48 26.98 17.10
CA VAL B 126 4.52 27.55 17.96
C VAL B 126 4.14 27.21 19.40
N GLU B 127 5.10 26.70 20.17
CA GLU B 127 4.97 26.47 21.60
C GLU B 127 4.04 25.30 21.96
N MET B 128 3.49 24.58 20.98
CA MET B 128 2.67 23.42 21.30
C MET B 128 3.52 22.16 21.36
N SER B 129 3.31 21.35 22.40
CA SER B 129 4.06 20.12 22.56
C SER B 129 3.44 19.00 21.71
N TYR B 130 4.26 18.34 20.91
CA TYR B 130 3.82 17.15 20.19
C TYR B 130 5.03 16.28 19.86
N GLY B 131 4.78 14.99 19.67
CA GLY B 131 5.88 14.07 19.51
C GLY B 131 5.38 12.65 19.36
N THR B 132 6.32 11.72 19.49
CA THR B 132 6.07 10.31 19.26
C THR B 132 6.84 9.51 20.33
N VAL B 133 6.93 8.21 20.14
CA VAL B 133 7.72 7.37 21.05
C VAL B 133 9.20 7.58 20.72
N ARG B 134 9.97 8.01 21.72
CA ARG B 134 11.40 8.19 21.49
C ARG B 134 12.04 6.85 21.18
N ASP B 135 13.08 6.89 20.35
CA ASP B 135 13.77 5.68 19.91
C ASP B 135 12.77 4.66 19.34
N SER B 136 11.88 5.15 18.48
CA SER B 136 10.97 4.29 17.73
C SER B 136 11.29 4.43 16.24
N ALA B 137 10.61 3.61 15.43
CA ALA B 137 10.73 3.75 13.98
C ALA B 137 10.12 5.06 13.51
N VAL B 138 9.05 5.52 14.16
CA VAL B 138 8.45 6.80 13.82
C VAL B 138 9.45 7.93 14.07
N TYR B 139 10.12 7.90 15.22
CA TYR B 139 11.13 8.91 15.51
C TYR B 139 12.15 8.98 14.38
N GLU B 140 12.65 7.81 13.95
CA GLU B 140 13.69 7.79 12.93
C GLU B 140 13.14 8.24 11.58
N TYR B 141 11.89 7.92 11.29
CA TYR B 141 11.26 8.39 10.06
C TYR B 141 11.27 9.91 10.00
N PHE B 142 10.84 10.59 11.08
CA PHE B 142 10.85 12.05 11.05
C PHE B 142 12.26 12.61 11.03
N ARG B 143 13.22 11.92 11.66
CA ARG B 143 14.62 12.35 11.54
C ARG B 143 15.04 12.38 10.07
N ALA B 144 14.76 11.31 9.33
CA ALA B 144 15.21 11.23 7.95
C ALA B 144 14.51 12.28 7.09
N LYS B 145 13.20 12.41 7.24
CA LYS B 145 12.45 13.36 6.43
C LYS B 145 12.76 14.80 6.81
N GLY B 146 13.11 15.04 8.08
CA GLY B 146 13.33 16.40 8.55
C GLY B 146 14.72 16.93 8.30
N THR B 147 15.69 16.06 8.03
CA THR B 147 17.06 16.47 7.75
C THR B 147 17.43 16.35 6.29
N ASN B 148 16.49 15.95 5.44
CA ASN B 148 16.77 15.77 4.03
C ASN B 148 16.47 17.06 3.28
N PRO B 149 17.47 17.73 2.69
CA PRO B 149 17.19 18.98 1.98
C PRO B 149 16.32 18.82 0.74
N LEU B 150 15.90 17.60 0.41
CA LEU B 150 15.19 17.32 -0.83
C LEU B 150 13.68 17.30 -0.66
N GLU B 151 13.18 17.54 0.55
CA GLU B 151 11.74 17.55 0.77
C GLU B 151 11.09 18.73 0.05
N GLN B 152 9.96 18.47 -0.60
CA GLN B 152 9.29 19.53 -1.36
C GLN B 152 8.64 20.54 -0.43
N ASP B 153 8.05 20.09 0.68
CA ASP B 153 7.37 20.97 1.62
CA ASP B 153 7.37 20.97 1.62
C ASP B 153 8.14 21.03 2.94
N SER B 154 8.18 22.23 3.52
CA SER B 154 8.88 22.45 4.78
C SER B 154 8.21 21.75 5.96
N THR B 155 7.07 21.09 5.75
CA THR B 155 6.31 20.50 6.84
C THR B 155 7.19 19.58 7.69
N PHE B 156 8.04 18.77 7.06
CA PHE B 156 8.76 17.75 7.82
C PHE B 156 9.89 18.36 8.64
N ALA B 157 10.60 19.34 8.10
CA ALA B 157 11.64 20.00 8.87
C ALA B 157 11.05 20.65 10.11
N GLU B 158 9.90 21.31 9.98
CA GLU B 158 9.28 21.94 11.13
C GLU B 158 8.87 20.92 12.18
N LEU B 159 8.25 19.81 11.74
CA LEU B 159 7.82 18.80 12.71
C LEU B 159 9.02 18.23 13.47
N TRP B 160 10.09 17.90 12.75
CA TRP B 160 11.27 17.32 13.38
C TRP B 160 11.87 18.27 14.42
N ARG B 161 11.87 19.57 14.13
CA ARG B 161 12.41 20.53 15.09
C ARG B 161 11.70 20.42 16.43
N THR B 162 10.38 20.22 16.43
CA THR B 162 9.65 20.10 17.69
C THR B 162 9.84 18.71 18.30
N ILE B 163 9.72 17.66 17.49
CA ILE B 163 9.80 16.30 17.98
C ILE B 163 11.15 16.06 18.67
N SER B 164 12.23 16.51 18.05
CA SER B 164 13.57 16.17 18.49
C SER B 164 14.16 17.16 19.49
N LYS B 165 13.39 18.18 19.89
CA LYS B 165 13.90 19.23 20.76
C LYS B 165 14.59 18.64 21.98
N ASN B 166 15.82 19.07 22.22
CA ASN B 166 16.60 18.63 23.38
C ASN B 166 16.77 17.11 23.38
N GLY B 167 17.08 16.57 22.21
CA GLY B 167 17.35 15.14 22.10
C GLY B 167 16.13 14.26 22.11
N GLY B 168 14.94 14.82 21.89
CA GLY B 168 13.72 14.05 21.98
C GLY B 168 13.18 13.89 23.38
N ALA B 169 13.76 14.56 24.37
CA ALA B 169 13.37 14.37 25.75
C ALA B 169 12.20 15.25 26.16
N ASP B 170 12.00 16.39 25.49
CA ASP B 170 10.96 17.31 25.93
C ASP B 170 9.58 16.87 25.46
N ASN B 171 9.46 16.42 24.21
CA ASN B 171 8.16 16.27 23.58
C ASN B 171 7.80 14.83 23.21
N CYS B 172 8.65 13.86 23.49
CA CYS B 172 8.40 12.47 23.17
C CYS B 172 8.10 11.67 24.43
N VAL B 173 7.50 10.50 24.25
CA VAL B 173 7.06 9.66 25.36
C VAL B 173 7.79 8.34 25.30
N SER B 174 7.58 7.52 26.34
CA SER B 174 8.26 6.25 26.45
C SER B 174 7.48 5.08 25.86
N SER B 175 6.19 5.24 25.59
CA SER B 175 5.38 4.12 25.12
C SER B 175 4.13 4.66 24.46
N PRO B 176 3.52 3.90 23.55
CA PRO B 176 2.25 4.35 22.96
C PRO B 176 1.14 4.55 23.98
N SER B 177 1.10 3.73 25.03
CA SER B 177 0.07 3.91 26.04
C SER B 177 0.22 5.25 26.74
N GLU B 178 1.46 5.67 27.02
CA GLU B 178 1.68 6.98 27.61
C GLU B 178 1.33 8.09 26.62
N GLY B 179 1.72 7.91 25.36
CA GLY B 179 1.37 8.91 24.35
C GLY B 179 -0.13 9.07 24.20
N ILE B 180 -0.85 7.95 24.14
CA ILE B 180 -2.30 8.01 24.08
C ILE B 180 -2.86 8.72 25.30
N ARG B 181 -2.30 8.42 26.47
CA ARG B 181 -2.81 9.01 27.70
C ARG B 181 -2.54 10.51 27.75
N LYS B 182 -1.37 10.94 27.27
CA LYS B 182 -1.07 12.37 27.29
C LYS B 182 -1.97 13.13 26.33
N ALA B 183 -2.26 12.54 25.17
CA ALA B 183 -3.13 13.22 24.20
C ALA B 183 -4.53 13.40 24.75
N LYS B 184 -5.03 12.41 25.49
CA LYS B 184 -6.38 12.53 26.06
C LYS B 184 -6.46 13.62 27.11
N LYS B 185 -5.36 13.87 27.83
CA LYS B 185 -5.39 14.88 28.89
C LYS B 185 -5.36 16.29 28.34
N GLY B 186 -4.81 16.49 27.14
CA GLY B 186 -4.80 17.78 26.49
C GLY B 186 -3.41 18.38 26.42
N ASN B 187 -3.30 19.38 25.55
CA ASN B 187 -2.05 20.13 25.37
C ASN B 187 -0.91 19.24 24.88
N TYR B 188 -1.24 18.24 24.07
CA TYR B 188 -0.26 17.33 23.49
C TYR B 188 -0.93 16.67 22.29
N ALA B 189 -0.17 16.48 21.22
CA ALA B 189 -0.58 15.66 20.09
C ALA B 189 0.44 14.53 19.92
N PHE B 190 -0.07 13.31 19.73
CA PHE B 190 0.75 12.10 19.71
C PHE B 190 0.76 11.52 18.30
N LEU B 191 1.95 11.32 17.75
CA LEU B 191 2.13 10.80 16.40
C LEU B 191 2.53 9.33 16.47
N TRP B 192 1.75 8.48 15.81
CA TRP B 192 1.89 7.04 15.94
C TRP B 192 1.02 6.35 14.88
N ASP B 193 1.09 5.02 14.83
CA ASP B 193 0.27 4.23 13.92
C ASP B 193 -1.12 4.83 13.82
N VAL B 194 -1.60 5.16 12.63
CA VAL B 194 -2.94 5.74 12.54
C VAL B 194 -3.99 4.72 12.98
N ALA B 195 -3.76 3.43 12.71
CA ALA B 195 -4.72 2.42 13.10
C ALA B 195 -4.81 2.27 14.61
N VAL B 196 -3.67 2.42 15.29
CA VAL B 196 -3.66 2.31 16.75
C VAL B 196 -4.37 3.48 17.38
N VAL B 197 -4.07 4.70 16.94
CA VAL B 197 -4.69 5.85 17.59
C VAL B 197 -6.15 5.98 17.17
N GLU B 198 -6.51 5.51 15.97
CA GLU B 198 -7.92 5.50 15.58
C GLU B 198 -8.73 4.62 16.53
N TYR B 199 -8.22 3.43 16.86
CA TYR B 199 -8.96 2.57 17.77
C TYR B 199 -9.03 3.20 19.16
N ALA B 200 -7.95 3.84 19.60
CA ALA B 200 -7.99 4.49 20.90
C ALA B 200 -9.02 5.61 20.91
N ALA B 201 -9.17 6.34 19.80
CA ALA B 201 -10.14 7.42 19.75
C ALA B 201 -11.56 6.87 19.71
N LEU B 202 -11.78 5.76 18.99
CA LEU B 202 -13.11 5.19 18.89
C LEU B 202 -13.59 4.64 20.23
N THR B 203 -12.67 4.24 21.10
CA THR B 203 -13.04 3.61 22.36
C THR B 203 -12.74 4.49 23.58
N ASP B 204 -12.44 5.76 23.36
CA ASP B 204 -12.19 6.70 24.43
C ASP B 204 -13.39 6.81 25.37
N ASP B 205 -13.15 6.61 26.67
CA ASP B 205 -14.24 6.67 27.64
C ASP B 205 -15.03 7.97 27.52
N ASP B 206 -14.36 9.05 27.13
CA ASP B 206 -14.98 10.37 27.09
C ASP B 206 -15.25 10.86 25.68
N CYS B 207 -14.93 10.07 24.66
CA CYS B 207 -15.11 10.46 23.26
C CYS B 207 -14.59 11.88 23.04
N SER B 208 -13.40 12.16 23.58
CA SER B 208 -12.85 13.51 23.63
C SER B 208 -11.72 13.73 22.64
N VAL B 209 -11.35 12.73 21.85
CA VAL B 209 -10.22 12.88 20.94
C VAL B 209 -10.61 12.52 19.51
N THR B 210 -9.75 12.93 18.58
CA THR B 210 -9.93 12.69 17.16
C THR B 210 -8.56 12.36 16.57
N VAL B 211 -8.56 11.95 15.30
CA VAL B 211 -7.36 11.47 14.63
C VAL B 211 -7.22 12.21 13.31
N ILE B 212 -6.03 12.71 13.04
CA ILE B 212 -5.67 13.27 11.74
C ILE B 212 -4.78 12.27 11.02
N GLY B 213 -5.15 11.92 9.78
CA GLY B 213 -4.34 11.09 8.93
C GLY B 213 -3.72 11.89 7.81
N ASN B 214 -3.11 11.16 6.88
CA ASN B 214 -2.49 11.77 5.71
C ASN B 214 -2.47 10.76 4.57
N SER B 215 -2.23 11.27 3.36
CA SER B 215 -2.19 10.42 2.17
C SER B 215 -0.89 9.65 2.03
N ILE B 216 0.09 9.88 2.90
CA ILE B 216 1.40 9.27 2.78
C ILE B 216 1.36 7.93 3.50
N SER B 217 1.32 6.84 2.74
CA SER B 217 1.46 5.49 3.27
C SER B 217 2.73 4.88 2.68
N SER B 218 3.70 4.59 3.54
CA SER B 218 5.01 4.16 3.09
C SER B 218 5.30 2.69 3.36
N LYS B 219 4.45 2.00 4.12
CA LYS B 219 4.79 0.65 4.55
C LYS B 219 3.51 -0.17 4.70
N GLY B 220 3.70 -1.47 4.84
CA GLY B 220 2.62 -2.38 5.11
C GLY B 220 2.86 -3.18 6.38
N TYR B 221 1.78 -3.69 6.98
CA TYR B 221 1.85 -4.63 8.08
C TYR B 221 1.99 -6.03 7.51
N GLY B 222 2.90 -6.83 8.08
CA GLY B 222 3.14 -8.16 7.55
C GLY B 222 3.23 -9.20 8.65
N ILE B 223 3.16 -10.46 8.22
CA ILE B 223 3.50 -11.60 9.06
C ILE B 223 4.98 -11.89 8.87
N ALA B 224 5.74 -11.94 9.96
CA ALA B 224 7.17 -12.25 9.92
C ALA B 224 7.37 -13.73 10.15
N LEU B 225 8.12 -14.38 9.27
CA LEU B 225 8.43 -15.80 9.39
C LEU B 225 9.93 -15.96 9.49
N GLN B 226 10.36 -17.19 9.80
CA GLN B 226 11.78 -17.47 9.90
C GLN B 226 12.47 -17.22 8.57
N HIS B 227 13.76 -16.90 8.64
CA HIS B 227 14.59 -16.84 7.44
C HIS B 227 14.50 -18.17 6.70
N GLY B 228 14.11 -18.12 5.43
CA GLY B 228 14.01 -19.33 4.63
C GLY B 228 12.81 -20.18 4.93
N SER B 229 11.81 -19.64 5.62
CA SER B 229 10.62 -20.40 5.94
C SER B 229 9.99 -20.96 4.66
N PRO B 230 9.48 -22.20 4.69
CA PRO B 230 8.77 -22.74 3.52
C PRO B 230 7.33 -22.26 3.40
N TYR B 231 6.85 -21.44 4.33
CA TYR B 231 5.46 -21.02 4.37
C TYR B 231 5.24 -19.60 3.89
N ARG B 232 6.30 -18.83 3.70
CA ARG B 232 6.15 -17.40 3.41
C ARG B 232 5.32 -17.17 2.14
N ASP B 233 5.70 -17.82 1.05
CA ASP B 233 4.97 -17.61 -0.21
C ASP B 233 3.54 -18.10 -0.10
N LEU B 234 3.31 -19.17 0.66
CA LEU B 234 1.96 -19.68 0.85
C LEU B 234 1.09 -18.66 1.57
N PHE B 235 1.63 -18.05 2.63
CA PHE B 235 0.88 -17.02 3.34
C PHE B 235 0.59 -15.83 2.44
N SER B 236 1.59 -15.41 1.65
CA SER B 236 1.38 -14.29 0.73
C SER B 236 0.22 -14.57 -0.21
N GLN B 237 0.19 -15.77 -0.79
CA GLN B 237 -0.86 -16.12 -1.74
C GLN B 237 -2.25 -16.05 -1.10
N ARG B 238 -2.42 -16.65 0.08
CA ARG B 238 -3.73 -16.61 0.71
CA ARG B 238 -3.73 -16.61 0.71
C ARG B 238 -4.10 -15.20 1.16
N ILE B 239 -3.11 -14.41 1.57
CA ILE B 239 -3.39 -13.03 1.97
C ILE B 239 -3.95 -12.24 0.80
N LEU B 240 -3.32 -12.37 -0.37
CA LEU B 240 -3.83 -11.72 -1.57
C LEU B 240 -5.26 -12.16 -1.87
N GLU B 241 -5.57 -13.43 -1.62
CA GLU B 241 -6.92 -13.92 -1.88
C GLU B 241 -7.92 -13.32 -0.89
N LEU B 242 -7.55 -13.26 0.39
CA LEU B 242 -8.46 -12.69 1.39
C LEU B 242 -8.72 -11.21 1.12
N GLN B 243 -7.72 -10.49 0.64
CA GLN B 243 -7.93 -9.09 0.29
C GLN B 243 -8.92 -8.96 -0.87
N ASP B 244 -8.71 -9.77 -1.90
CA ASP B 244 -9.44 -9.62 -3.14
C ASP B 244 -10.90 -10.00 -2.99
N THR B 245 -11.22 -10.92 -2.08
CA THR B 245 -12.60 -11.31 -1.85
C THR B 245 -13.33 -10.37 -0.90
N GLY B 246 -12.63 -9.46 -0.24
CA GLY B 246 -13.21 -8.55 0.72
C GLY B 246 -13.16 -9.04 2.15
N ASP B 247 -12.67 -10.26 2.40
CA ASP B 247 -12.65 -10.78 3.75
C ASP B 247 -11.82 -9.90 4.67
N LEU B 248 -10.73 -9.31 4.16
CA LEU B 248 -9.93 -8.43 5.00
C LEU B 248 -10.67 -7.15 5.34
N ASP B 249 -11.37 -6.58 4.35
CA ASP B 249 -12.15 -5.37 4.63
C ASP B 249 -13.24 -5.65 5.66
N VAL B 250 -13.84 -6.84 5.62
CA VAL B 250 -14.86 -7.18 6.61
C VAL B 250 -14.25 -7.24 8.00
N LEU B 251 -13.07 -7.83 8.13
CA LEU B 251 -12.42 -7.90 9.43
C LEU B 251 -12.01 -6.51 9.92
N LYS B 252 -11.54 -5.65 9.02
CA LYS B 252 -11.21 -4.28 9.43
C LYS B 252 -12.44 -3.55 9.96
N GLN B 253 -13.57 -3.70 9.27
CA GLN B 253 -14.80 -3.08 9.75
C GLN B 253 -15.23 -3.63 11.09
N LYS B 254 -14.94 -4.91 11.34
CA LYS B 254 -15.29 -5.54 12.60
C LYS B 254 -14.52 -4.92 13.77
N TRP B 255 -13.21 -4.70 13.59
CA TRP B 255 -12.36 -4.30 14.70
C TRP B 255 -12.15 -2.79 14.79
N TRP B 256 -12.40 -2.05 13.71
CA TRP B 256 -12.47 -0.59 13.75
C TRP B 256 -13.89 -0.15 13.39
N PRO B 257 -14.88 -0.51 14.21
CA PRO B 257 -16.26 -0.12 13.89
C PRO B 257 -16.54 1.33 14.27
N HIS B 258 -17.09 2.08 13.33
CA HIS B 258 -17.37 3.49 13.57
C HIS B 258 -18.78 3.72 14.11
N MET B 259 -19.71 2.82 13.82
CA MET B 259 -21.05 2.91 14.37
C MET B 259 -21.10 2.29 15.76
N GLY B 260 -21.76 2.97 16.68
CA GLY B 260 -21.85 2.53 18.07
C GLY B 260 -20.71 2.98 18.95
N ARG B 261 -19.68 3.59 18.38
CA ARG B 261 -18.52 4.06 19.13
CA ARG B 261 -18.51 4.06 19.11
C ARG B 261 -18.44 5.59 19.02
N CYS B 262 -17.34 6.14 19.50
CA CYS B 262 -17.19 7.59 19.52
C CYS B 262 -17.23 8.17 18.11
N ASP B 263 -17.88 9.33 17.98
CA ASP B 263 -17.85 10.10 16.74
C ASP B 263 -16.56 10.91 16.68
N LEU B 264 -15.70 10.59 15.72
CA LEU B 264 -14.45 11.31 15.59
C LEU B 264 -14.61 12.63 14.87
N THR B 265 -15.78 12.92 14.29
CA THR B 265 -16.01 14.15 13.56
C THR B 265 -17.07 15.03 14.22
N SER B 266 -17.22 14.94 15.55
CA SER B 266 -18.31 15.65 16.20
C SER B 266 -18.15 17.16 16.14
N HIS B 267 -16.93 17.66 15.96
CA HIS B 267 -16.67 19.08 15.79
C HIS B 267 -16.40 19.30 14.30
N ALA B 268 -17.45 19.64 13.57
CA ALA B 268 -17.35 19.89 12.13
C ALA B 268 -18.20 21.08 11.73
#